data_3BPO
#
_entry.id   3BPO
#
_cell.length_a   211.510
_cell.length_b   58.169
_cell.length_c   64.236
_cell.angle_alpha   90.00
_cell.angle_beta   100.51
_cell.angle_gamma   90.00
#
_symmetry.space_group_name_H-M   'C 1 2 1'
#
loop_
_entity.id
_entity.type
_entity.pdbx_description
1 polymer 'Interleukin 13'
2 polymer 'Interleukin-4 receptor alpha chain'
3 polymer 'Interleukin-13 receptor alpha-1 chain'
4 branched 2-acetamido-2-deoxy-beta-D-glucopyranose-(1-4)-2-acetamido-2-deoxy-beta-D-glucopyranose
5 non-polymer 2-acetamido-2-deoxy-beta-D-glucopyranose
6 water water
#
loop_
_entity_poly.entity_id
_entity_poly.type
_entity_poly.pdbx_seq_one_letter_code
_entity_poly.pdbx_strand_id
1 'polypeptide(L)'
;PGPVPPSTALRELIEELVNITQNQKAPLCNGSMVWSINLTTAGMYCAALESLINVSGCSAIEKTQRMLSGFCPHKVSAGQ
FSSLHVRDTKIEVAQFVKDLLLHLKKLFREGQFNRNFESIIICRDRT
;
A
2 'polypeptide(L)'
;ADPFKVLQEPTCVSDYMSISTCEWKMNGPTQCSTELRLLYQLVFLLSEAHTCIPENNGGAGCVCHLLMDDVVSADQYTLD
LWAGQQLLWKGSFKPSEHVKPRAPGNLTVHTQVSDTLLLTWSNPYPPDNYLYNHLTYAVNIWSENDPADFRIYQVTYLEP
SLRIAASTLKSGISYRARVRAWAQCYNTTWSEWSPSTKWHNSYRE
;
B
3 'polypeptide(L)'
;TETQPPVTNLSVSVENLCTVIWTWNPPEGASSNCSLWYFSHFGDKQDKKIAPETRRSIEVPLNERICLQVGSQCSTNESE
KPSILVEKCISPPEGDPESAVTELQCIWHNLSYMKCSWLPGRNTSPDTNYTLYYWHRSLEKIHQCENIFREGQYFGCSFD
LTKVKDSSFEQHSVQIMVKDNAGKIKPSFNIVPLTSRVKPDPPHIKNLSFHNDDLYVQWENPQNFISRCLFYEVEVNNSQ
TETHNVFYVQEAKCENPEFERNVENTSCFMVPGVLPDTLNTVRIRVKTNKLCYEDDKLWSNWSQEMSIGKKRNS
;
C
#
# COMPACT_ATOMS: atom_id res chain seq x y z
N GLY A 2 13.92 -9.56 13.71
CA GLY A 2 14.31 -10.85 13.07
C GLY A 2 15.25 -10.68 11.90
N PRO A 3 15.34 -11.71 11.02
CA PRO A 3 16.21 -11.71 9.84
C PRO A 3 15.57 -11.09 8.58
N VAL A 4 14.46 -10.38 8.74
CA VAL A 4 13.76 -9.72 7.63
C VAL A 4 14.01 -8.21 7.64
N PRO A 5 14.01 -7.56 6.44
CA PRO A 5 14.23 -6.11 6.37
C PRO A 5 13.16 -5.33 7.13
N PRO A 6 13.57 -4.27 7.86
CA PRO A 6 12.68 -3.49 8.73
C PRO A 6 11.53 -2.79 8.01
N SER A 7 11.82 -2.19 6.86
CA SER A 7 10.81 -1.48 6.07
C SER A 7 9.52 -2.29 5.90
N THR A 8 9.68 -3.60 5.69
CA THR A 8 8.57 -4.50 5.35
C THR A 8 7.46 -4.60 6.41
N ALA A 9 7.84 -4.51 7.69
CA ALA A 9 6.87 -4.53 8.79
C ALA A 9 5.88 -3.38 8.63
N LEU A 10 6.36 -2.16 8.82
CA LEU A 10 5.54 -0.96 8.69
C LEU A 10 4.88 -0.89 7.31
N ARG A 11 5.59 -1.34 6.29
CA ARG A 11 5.10 -1.40 4.92
C ARG A 11 3.77 -2.16 4.85
N GLU A 12 3.72 -3.28 5.56
CA GLU A 12 2.53 -4.11 5.61
C GLU A 12 1.42 -3.40 6.37
N LEU A 13 1.78 -2.79 7.50
CA LEU A 13 0.82 -2.04 8.31
C LEU A 13 0.13 -0.97 7.48
N ILE A 14 0.91 -0.19 6.73
CA ILE A 14 0.39 0.86 5.88
C ILE A 14 -0.61 0.30 4.87
N GLU A 15 -0.18 -0.71 4.11
CA GLU A 15 -1.02 -1.27 3.05
C GLU A 15 -2.36 -1.80 3.57
N GLU A 16 -2.38 -2.27 4.81
CA GLU A 16 -3.59 -2.75 5.45
C GLU A 16 -4.59 -1.64 5.74
N LEU A 17 -4.11 -0.54 6.29
CA LEU A 17 -4.95 0.62 6.60
C LEU A 17 -5.51 1.19 5.30
N VAL A 18 -4.64 1.44 4.33
CA VAL A 18 -5.06 1.88 3.00
C VAL A 18 -6.13 0.93 2.47
N ASN A 19 -5.89 -0.37 2.66
CA ASN A 19 -6.84 -1.41 2.24
C ASN A 19 -8.15 -1.34 3.01
N ILE A 20 -8.06 -1.20 4.33
CA ILE A 20 -9.25 -1.12 5.19
C ILE A 20 -10.07 0.14 4.88
N THR A 21 -9.37 1.23 4.56
CA THR A 21 -10.00 2.47 4.14
C THR A 21 -10.04 2.52 2.62
N GLN A 22 -11.26 2.47 2.09
CA GLN A 22 -11.47 1.82 0.79
C GLN A 22 -12.65 2.47 0.07
N ALA A 26 -18.27 -2.26 4.81
CA ALA A 26 -18.93 -1.55 5.89
C ALA A 26 -18.00 -0.53 6.54
N PRO A 27 -18.47 0.71 6.68
CA PRO A 27 -17.62 1.80 7.16
C PRO A 27 -17.86 2.13 8.62
N LEU A 28 -16.79 2.36 9.37
CA LEU A 28 -15.97 1.28 9.91
C LEU A 28 -16.35 0.97 11.36
N CYS A 29 -16.80 -0.25 11.60
CA CYS A 29 -16.79 -0.82 12.94
C CYS A 29 -17.94 -0.29 13.78
N ASN A 30 -19.11 -0.14 13.15
CA ASN A 30 -20.25 0.48 13.80
C ASN A 30 -19.89 1.78 14.48
N GLY A 31 -18.82 2.42 14.02
CA GLY A 31 -18.55 3.81 14.34
C GLY A 31 -18.06 3.99 15.77
N SER A 32 -17.77 2.88 16.44
CA SER A 32 -17.46 2.90 17.85
C SER A 32 -16.35 3.90 18.16
N MET A 33 -16.60 4.78 19.12
CA MET A 33 -15.69 5.87 19.43
C MET A 33 -14.44 5.35 20.16
N VAL A 34 -13.30 5.96 19.89
CA VAL A 34 -12.06 5.60 20.57
C VAL A 34 -11.25 6.85 20.90
N TRP A 35 -10.45 6.79 21.96
CA TRP A 35 -9.59 7.90 22.37
C TRP A 35 -8.43 8.08 21.38
N SER A 36 -8.12 9.34 21.08
CA SER A 36 -7.12 9.67 20.08
C SER A 36 -5.76 10.01 20.69
N ILE A 37 -4.77 10.21 19.84
CA ILE A 37 -3.44 10.69 20.27
C ILE A 37 -3.07 11.91 19.43
N ASN A 38 -3.91 12.94 19.51
CA ASN A 38 -3.70 14.19 18.78
C ASN A 38 -2.89 15.18 19.61
N ALA A 42 4.86 11.65 20.21
CA ALA A 42 4.47 10.51 19.40
C ALA A 42 5.60 9.49 19.30
N GLY A 43 5.83 8.74 20.38
CA GLY A 43 4.84 8.60 21.43
C GLY A 43 4.52 7.15 21.74
N MET A 44 3.90 6.47 20.78
CA MET A 44 3.95 5.01 20.72
C MET A 44 3.44 4.50 19.37
N TYR A 45 3.53 3.19 19.18
CA TYR A 45 2.45 2.45 18.54
C TYR A 45 1.50 1.85 19.57
N CYS A 46 1.91 1.89 20.84
CA CYS A 46 1.12 1.32 21.92
C CYS A 46 -0.15 2.13 22.17
N ALA A 47 0.01 3.45 22.21
CA ALA A 47 -1.12 4.35 22.40
C ALA A 47 -2.24 4.00 21.42
N ALA A 48 -1.87 3.86 20.15
CA ALA A 48 -2.80 3.46 19.09
C ALA A 48 -3.35 2.05 19.28
N LEU A 49 -2.58 1.19 19.94
CA LEU A 49 -3.00 -0.19 20.19
C LEU A 49 -4.06 -0.27 21.28
N GLU A 50 -3.74 0.28 22.45
CA GLU A 50 -4.61 0.21 23.63
C GLU A 50 -5.90 1.04 23.51
N SER A 51 -6.02 1.79 22.42
CA SER A 51 -7.24 2.52 22.11
C SER A 51 -8.09 1.73 21.12
N LEU A 52 -7.47 0.77 20.45
CA LEU A 52 -8.17 -0.04 19.46
C LEU A 52 -8.73 -1.34 20.04
N ILE A 53 -7.91 -2.03 20.82
CA ILE A 53 -8.31 -3.31 21.41
C ILE A 53 -9.54 -3.13 22.30
N ASN A 54 -10.08 -1.93 22.32
CA ASN A 54 -11.32 -1.65 23.04
C ASN A 54 -12.56 -1.93 22.19
N VAL A 55 -12.36 -2.00 20.88
CA VAL A 55 -13.46 -2.30 19.95
C VAL A 55 -13.97 -3.72 20.15
N SER A 56 -15.23 -3.94 19.77
CA SER A 56 -16.08 -4.89 20.49
C SER A 56 -16.32 -6.14 19.66
N GLY A 57 -17.07 -5.99 18.57
CA GLY A 57 -17.15 -7.03 17.56
C GLY A 57 -16.92 -6.49 16.16
N CYS A 58 -15.80 -5.79 15.98
CA CYS A 58 -15.41 -5.32 14.66
C CYS A 58 -14.16 -6.06 14.17
N SER A 59 -14.38 -7.25 13.60
CA SER A 59 -13.27 -8.08 13.14
C SER A 59 -12.60 -7.58 11.85
N ALA A 60 -13.19 -6.54 11.25
CA ALA A 60 -12.59 -5.88 10.09
C ALA A 60 -11.27 -5.20 10.48
N ILE A 61 -11.15 -4.86 11.77
CA ILE A 61 -9.96 -4.18 12.28
C ILE A 61 -9.08 -5.11 13.13
N GLU A 62 -9.28 -6.41 13.00
CA GLU A 62 -8.55 -7.40 13.80
C GLU A 62 -7.07 -7.51 13.41
N LYS A 63 -6.81 -7.79 12.14
CA LYS A 63 -5.44 -7.94 11.64
C LYS A 63 -4.57 -6.74 12.04
N THR A 64 -5.13 -5.55 11.86
CA THR A 64 -4.46 -4.29 12.23
C THR A 64 -4.05 -4.26 13.70
N GLN A 65 -4.95 -4.72 14.57
CA GLN A 65 -4.66 -4.82 15.99
C GLN A 65 -3.43 -5.68 16.22
N ARG A 66 -3.42 -6.86 15.61
CA ARG A 66 -2.27 -7.77 15.69
C ARG A 66 -1.03 -7.12 15.12
N MET A 67 -1.16 -6.44 13.99
CA MET A 67 -0.05 -5.67 13.41
C MET A 67 0.49 -4.63 14.39
N LEU A 68 -0.41 -3.88 15.01
CA LEU A 68 0.01 -2.85 15.96
C LEU A 68 0.68 -3.44 17.19
N SER A 69 0.23 -4.61 17.61
CA SER A 69 0.77 -5.28 18.80
C SER A 69 2.21 -5.77 18.60
N GLY A 70 2.68 -5.73 17.35
CA GLY A 70 4.06 -6.10 17.04
C GLY A 70 5.02 -4.94 17.20
N PHE A 71 4.47 -3.73 17.20
CA PHE A 71 5.26 -2.52 17.39
C PHE A 71 5.37 -2.14 18.86
N CYS A 72 4.67 -2.89 19.71
CA CYS A 72 4.66 -2.64 21.14
C CYS A 72 5.11 -3.88 21.91
N PRO A 73 6.13 -3.74 22.77
CA PRO A 73 6.53 -4.82 23.67
C PRO A 73 5.41 -5.19 24.66
N HIS A 74 5.64 -6.22 25.48
CA HIS A 74 4.62 -6.75 26.39
C HIS A 74 3.72 -5.69 27.02
N SER A 83 -6.15 0.90 29.05
CA SER A 83 -5.71 1.78 30.12
C SER A 83 -4.74 2.85 29.61
N LEU A 84 -5.31 3.89 29.00
CA LEU A 84 -4.52 4.96 28.39
C LEU A 84 -3.99 5.97 29.43
N HIS A 85 -3.60 7.15 28.96
CA HIS A 85 -2.73 8.03 29.71
C HIS A 85 -3.21 9.48 29.82
N VAL A 86 -3.97 9.92 28.80
CA VAL A 86 -4.59 11.23 28.80
C VAL A 86 -5.90 11.20 28.01
N ARG A 87 -6.93 10.61 28.60
CA ARG A 87 -8.25 10.52 27.96
C ARG A 87 -8.88 11.90 27.82
N ASP A 88 -8.91 12.40 26.59
CA ASP A 88 -9.42 13.73 26.30
C ASP A 88 -10.60 13.69 25.33
N THR A 89 -10.31 13.44 24.06
CA THR A 89 -11.34 13.34 23.03
C THR A 89 -11.61 11.88 22.68
N LYS A 90 -12.63 11.66 21.84
CA LYS A 90 -13.04 10.32 21.48
C LYS A 90 -13.71 10.32 20.09
N ILE A 91 -12.92 10.12 19.05
CA ILE A 91 -13.42 10.15 17.67
C ILE A 91 -13.88 8.78 17.19
N GLU A 92 -14.39 8.72 15.96
CA GLU A 92 -14.78 7.46 15.34
C GLU A 92 -13.57 6.66 14.87
N VAL A 93 -13.77 5.36 14.66
CA VAL A 93 -12.69 4.46 14.26
C VAL A 93 -12.10 4.86 12.92
N ALA A 94 -12.96 4.98 11.91
CA ALA A 94 -12.54 5.37 10.56
C ALA A 94 -11.66 6.62 10.61
N GLN A 95 -12.12 7.64 11.33
CA GLN A 95 -11.37 8.87 11.54
C GLN A 95 -10.08 8.65 12.36
N PHE A 96 -10.09 7.64 13.23
CA PHE A 96 -8.89 7.24 13.97
C PHE A 96 -7.87 6.63 13.03
N VAL A 97 -8.34 5.72 12.19
CA VAL A 97 -7.50 5.02 11.21
C VAL A 97 -6.98 5.98 10.15
N LYS A 98 -7.90 6.70 9.51
CA LYS A 98 -7.57 7.68 8.47
C LYS A 98 -6.45 8.59 8.97
N ASP A 99 -6.54 9.02 10.22
CA ASP A 99 -5.55 9.92 10.82
C ASP A 99 -4.20 9.25 11.07
N LEU A 100 -4.24 8.00 11.55
CA LEU A 100 -3.03 7.22 11.81
C LEU A 100 -2.30 6.89 10.52
N LEU A 101 -3.06 6.45 9.52
CA LEU A 101 -2.54 6.06 8.22
C LEU A 101 -1.52 7.04 7.64
N LEU A 102 -1.90 8.32 7.59
CA LEU A 102 -1.06 9.31 6.96
C LEU A 102 0.14 9.72 7.83
N HIS A 103 0.08 9.38 9.11
CA HIS A 103 1.22 9.60 10.00
C HIS A 103 2.32 8.55 9.75
N LEU A 104 1.91 7.29 9.65
CA LEU A 104 2.84 6.21 9.34
C LEU A 104 3.44 6.42 7.95
N LYS A 105 2.65 7.00 7.05
CA LYS A 105 3.14 7.39 5.74
C LYS A 105 4.30 8.36 5.87
N LYS A 106 4.17 9.32 6.79
CA LYS A 106 5.22 10.31 7.04
C LYS A 106 6.50 9.62 7.48
N LEU A 107 6.39 8.73 8.48
CA LEU A 107 7.53 7.97 8.96
C LEU A 107 8.12 7.10 7.85
N PHE A 108 7.27 6.62 6.94
CA PHE A 108 7.75 5.81 5.84
C PHE A 108 8.56 6.61 4.82
N ARG A 109 8.11 7.82 4.51
CA ARG A 109 8.91 8.74 3.69
C ARG A 109 10.21 9.05 4.41
N GLU A 110 10.11 9.24 5.72
CA GLU A 110 11.27 9.58 6.55
C GLU A 110 12.20 8.39 6.77
N GLY A 111 11.73 7.20 6.40
CA GLY A 111 12.54 5.97 6.49
C GLY A 111 12.91 5.61 7.91
N GLN A 112 11.95 5.74 8.82
CA GLN A 112 12.20 5.55 10.24
C GLN A 112 11.39 4.38 10.80
N PHE A 113 12.09 3.43 11.42
CA PHE A 113 11.49 2.31 12.14
C PHE A 113 10.42 1.56 11.33
N ASP B 2 9.61 -47.89 25.06
CA ASP B 2 10.07 -47.04 23.91
C ASP B 2 10.45 -45.64 24.38
N PRO B 3 11.76 -45.33 24.42
CA PRO B 3 12.23 -43.97 24.69
C PRO B 3 11.82 -43.02 23.56
N PHE B 4 10.57 -42.57 23.60
CA PHE B 4 10.08 -41.54 22.68
C PHE B 4 10.95 -40.30 22.82
N LYS B 5 11.49 -39.86 21.69
CA LYS B 5 12.38 -38.70 21.68
C LYS B 5 12.26 -37.91 20.39
N VAL B 6 12.66 -36.65 20.44
CA VAL B 6 12.72 -35.77 19.28
C VAL B 6 14.19 -35.67 18.90
N LEU B 7 14.58 -36.38 17.84
CA LEU B 7 15.96 -36.35 17.37
C LEU B 7 16.24 -35.08 16.57
N GLN B 8 15.19 -34.54 15.96
CA GLN B 8 15.31 -33.32 15.18
C GLN B 8 14.23 -32.31 15.56
N GLU B 9 14.67 -31.20 16.17
CA GLU B 9 13.78 -30.12 16.58
C GLU B 9 12.88 -29.69 15.42
N PRO B 10 11.56 -29.62 15.66
CA PRO B 10 10.57 -29.19 14.66
C PRO B 10 10.93 -27.86 14.00
N THR B 11 11.05 -27.88 12.67
CA THR B 11 11.23 -26.68 11.88
C THR B 11 9.87 -26.35 11.26
N CYS B 12 9.72 -25.13 10.76
CA CYS B 12 8.44 -24.71 10.21
C CYS B 12 8.59 -23.58 9.18
N VAL B 13 7.70 -23.59 8.19
CA VAL B 13 7.64 -22.52 7.18
C VAL B 13 6.20 -22.10 6.89
N SER B 14 6.01 -20.88 6.37
CA SER B 14 4.67 -20.34 6.17
C SER B 14 4.46 -19.83 4.74
N ASP B 15 3.31 -20.16 4.17
CA ASP B 15 2.92 -19.69 2.84
C ASP B 15 2.40 -18.26 2.88
N TYR B 16 2.28 -17.73 4.09
CA TYR B 16 1.78 -16.37 4.35
C TYR B 16 0.38 -16.18 3.76
N MET B 17 -0.41 -17.25 3.80
CA MET B 17 -1.76 -17.26 3.23
C MET B 17 -2.72 -17.99 4.16
N SER B 18 -2.64 -19.32 4.17
CA SER B 18 -3.53 -20.13 5.00
C SER B 18 -2.80 -21.26 5.74
N ILE B 19 -1.93 -21.97 5.03
CA ILE B 19 -1.30 -23.17 5.60
C ILE B 19 0.15 -22.96 6.00
N SER B 20 0.51 -23.44 7.18
CA SER B 20 1.91 -23.53 7.59
C SER B 20 2.37 -24.99 7.58
N THR B 21 3.69 -25.19 7.51
CA THR B 21 4.25 -26.52 7.46
C THR B 21 5.36 -26.72 8.48
N CYS B 22 5.13 -27.63 9.42
CA CYS B 22 6.12 -28.02 10.44
C CYS B 22 6.59 -29.46 10.22
N GLU B 23 7.91 -29.67 10.22
CA GLU B 23 8.51 -31.00 10.05
C GLU B 23 9.46 -31.32 11.20
N TRP B 24 9.36 -32.52 11.75
CA TRP B 24 10.31 -32.97 12.77
C TRP B 24 10.60 -34.46 12.61
N LYS B 25 11.69 -34.91 13.21
CA LYS B 25 12.10 -36.31 13.12
C LYS B 25 12.31 -36.95 14.49
N MET B 26 11.57 -38.04 14.71
CA MET B 26 11.67 -38.82 15.93
C MET B 26 12.93 -39.68 15.90
N ASN B 27 13.27 -40.31 17.03
CA ASN B 27 14.43 -41.20 17.09
C ASN B 27 14.06 -42.67 16.82
N GLY B 28 13.12 -42.88 15.92
CA GLY B 28 12.66 -44.23 15.58
C GLY B 28 11.35 -44.18 14.81
N PRO B 29 11.02 -45.27 14.09
CA PRO B 29 9.81 -45.32 13.28
C PRO B 29 8.55 -45.15 14.12
N THR B 30 7.56 -44.45 13.57
CA THR B 30 6.35 -44.11 14.32
C THR B 30 5.13 -43.89 13.42
N GLN B 31 3.95 -44.09 14.00
CA GLN B 31 2.68 -43.78 13.34
C GLN B 31 2.12 -42.53 14.01
N CYS B 32 2.44 -41.36 13.44
CA CYS B 32 2.06 -40.08 14.03
C CYS B 32 0.56 -39.83 14.01
N SER B 33 -0.11 -40.39 13.00
CA SER B 33 -1.56 -40.36 12.88
C SER B 33 -2.25 -40.96 14.11
N THR B 34 -1.48 -41.73 14.90
CA THR B 34 -1.99 -42.43 16.08
C THR B 34 -1.40 -41.87 17.37
N GLU B 35 -0.09 -41.59 17.35
CA GLU B 35 0.66 -41.27 18.57
C GLU B 35 0.81 -39.78 18.84
N LEU B 36 1.09 -39.01 17.79
CA LEU B 36 1.40 -37.59 17.96
C LEU B 36 0.22 -36.66 17.71
N ARG B 37 0.18 -35.57 18.48
CA ARG B 37 -0.79 -34.50 18.30
C ARG B 37 -0.03 -33.18 18.34
N LEU B 38 -0.46 -32.23 17.52
CA LEU B 38 0.20 -30.92 17.49
C LEU B 38 -0.76 -29.80 17.86
N LEU B 39 -0.60 -29.28 19.07
CA LEU B 39 -1.43 -28.21 19.58
C LEU B 39 -0.75 -26.86 19.38
N TYR B 40 -1.40 -25.98 18.63
CA TYR B 40 -0.86 -24.67 18.34
C TYR B 40 -1.86 -23.56 18.62
N GLN B 41 -1.38 -22.45 19.16
CA GLN B 41 -2.24 -21.33 19.54
C GLN B 41 -1.62 -20.00 19.15
N LEU B 42 -2.43 -19.12 18.56
CA LEU B 42 -2.01 -17.77 18.27
C LEU B 42 -1.80 -16.96 19.54
N VAL B 43 -0.60 -16.39 19.69
CA VAL B 43 -0.25 -15.61 20.87
C VAL B 43 -0.69 -14.16 20.72
N PHE B 44 -1.57 -13.90 19.76
CA PHE B 44 -2.71 -13.02 19.97
C PHE B 44 -3.72 -13.65 20.93
N LEU B 45 -3.39 -13.65 22.21
CA LEU B 45 -4.32 -14.09 23.25
C LEU B 45 -5.54 -13.17 23.32
N LEU B 46 -6.49 -13.40 22.42
CA LEU B 46 -7.85 -13.74 22.83
C LEU B 46 -8.33 -15.02 22.14
N SER B 47 -7.39 -15.92 21.87
CA SER B 47 -7.49 -16.81 20.71
C SER B 47 -7.32 -18.27 21.13
N GLU B 48 -7.95 -19.16 20.38
CA GLU B 48 -8.10 -20.55 20.81
C GLU B 48 -6.97 -21.42 20.28
N ALA B 49 -6.61 -22.45 21.05
CA ALA B 49 -5.60 -23.42 20.61
C ALA B 49 -6.23 -24.40 19.65
N HIS B 50 -5.42 -24.91 18.72
CA HIS B 50 -5.90 -25.83 17.70
C HIS B 50 -5.13 -27.13 17.70
N THR B 51 -5.83 -28.23 17.42
CA THR B 51 -5.20 -29.55 17.35
C THR B 51 -4.79 -29.84 15.92
N CYS B 52 -3.60 -30.41 15.75
CA CYS B 52 -3.15 -30.84 14.44
C CYS B 52 -2.78 -32.32 14.45
N ILE B 53 -3.37 -33.05 13.51
CA ILE B 53 -3.12 -34.48 13.34
C ILE B 53 -2.00 -34.66 12.32
N PRO B 54 -0.79 -35.04 12.78
CA PRO B 54 0.38 -35.16 11.90
C PRO B 54 0.31 -36.37 10.98
N GLU B 55 0.93 -36.25 9.81
CA GLU B 55 1.03 -37.35 8.87
C GLU B 55 2.47 -37.82 8.79
N ASN B 56 2.66 -39.11 8.51
CA ASN B 56 4.00 -39.66 8.34
C ASN B 56 4.78 -38.94 7.24
N ASN B 57 6.01 -38.57 7.55
CA ASN B 57 6.91 -37.94 6.59
C ASN B 57 8.27 -38.64 6.58
N GLY B 58 8.24 -39.93 6.29
CA GLY B 58 9.46 -40.73 6.19
C GLY B 58 9.55 -41.88 7.17
N GLY B 59 8.40 -42.33 7.67
CA GLY B 59 8.35 -43.49 8.56
C GLY B 59 9.01 -43.26 9.91
N ALA B 60 9.92 -42.29 9.97
CA ALA B 60 10.56 -41.86 11.21
C ALA B 60 10.47 -40.35 11.35
N GLY B 61 9.91 -39.70 10.33
CA GLY B 61 9.65 -38.27 10.36
C GLY B 61 8.18 -37.98 10.17
N CYS B 62 7.74 -36.80 10.57
CA CYS B 62 6.34 -36.43 10.45
C CYS B 62 6.11 -34.96 10.12
N VAL B 63 4.91 -34.66 9.62
CA VAL B 63 4.53 -33.32 9.18
C VAL B 63 3.06 -33.03 9.49
N CYS B 64 2.81 -31.81 9.95
CA CYS B 64 1.45 -31.36 10.16
C CYS B 64 1.21 -30.04 9.42
N HIS B 65 -0.07 -29.78 9.11
CA HIS B 65 -0.45 -28.55 8.43
C HIS B 65 -1.41 -27.73 9.29
N LEU B 66 -0.86 -26.66 9.85
CA LEU B 66 -1.58 -25.77 10.75
C LEU B 66 -2.40 -24.79 9.92
N LEU B 67 -3.69 -25.05 9.82
CA LEU B 67 -4.59 -24.19 9.04
C LEU B 67 -4.77 -22.83 9.73
N MET B 68 -4.90 -21.78 8.92
CA MET B 68 -5.01 -20.41 9.41
C MET B 68 -5.89 -19.55 8.50
N ASP B 69 -6.58 -18.58 9.09
CA ASP B 69 -7.46 -17.67 8.34
C ASP B 69 -6.64 -16.69 7.49
N ASP B 70 -5.62 -16.10 8.13
CA ASP B 70 -4.69 -15.17 7.49
C ASP B 70 -3.51 -14.98 8.44
N VAL B 71 -2.52 -14.20 8.00
CA VAL B 71 -1.30 -14.02 8.77
C VAL B 71 -0.69 -12.64 8.54
N VAL B 72 -0.10 -12.07 9.59
CA VAL B 72 0.56 -10.76 9.51
C VAL B 72 1.93 -10.78 10.23
N SER B 73 2.84 -9.92 9.79
CA SER B 73 4.23 -9.87 10.29
C SER B 73 4.39 -10.16 11.79
N ALA B 74 3.63 -9.44 12.61
CA ALA B 74 3.72 -9.55 14.06
C ALA B 74 3.34 -10.94 14.59
N ASP B 75 2.45 -11.63 13.89
CA ASP B 75 1.90 -12.91 14.35
C ASP B 75 2.95 -13.89 14.85
N GLN B 76 2.65 -14.50 15.99
CA GLN B 76 3.53 -15.49 16.61
C GLN B 76 2.69 -16.57 17.29
N TYR B 77 3.23 -17.79 17.33
CA TYR B 77 2.47 -18.96 17.75
C TYR B 77 3.15 -19.78 18.84
N THR B 78 2.37 -20.19 19.84
CA THR B 78 2.80 -21.21 20.78
C THR B 78 2.61 -22.58 20.12
N LEU B 79 3.69 -23.36 20.11
CA LEU B 79 3.65 -24.71 19.54
C LEU B 79 4.00 -25.73 20.60
N ASP B 80 3.20 -26.79 20.68
CA ASP B 80 3.45 -27.87 21.62
C ASP B 80 3.15 -29.23 20.98
N LEU B 81 4.08 -30.16 21.11
CA LEU B 81 3.96 -31.47 20.49
C LEU B 81 3.41 -32.50 21.47
N TRP B 82 2.25 -33.06 21.15
CA TRP B 82 1.58 -33.98 22.06
C TRP B 82 1.62 -35.41 21.52
N ALA B 83 2.34 -36.28 22.21
CA ALA B 83 1.83 -37.60 22.54
C ALA B 83 0.74 -37.52 23.61
N GLY B 84 -0.06 -38.58 23.71
CA GLY B 84 -0.42 -39.15 25.00
C GLY B 84 -0.73 -38.08 26.04
N GLN B 85 0.10 -37.99 27.06
CA GLN B 85 0.25 -36.76 27.83
C GLN B 85 1.69 -36.25 27.78
N GLN B 86 2.63 -37.16 27.55
CA GLN B 86 4.03 -36.92 27.89
C GLN B 86 4.65 -35.88 26.96
N LEU B 87 5.83 -35.40 27.32
CA LEU B 87 6.46 -34.31 26.60
C LEU B 87 6.88 -34.73 25.19
N LEU B 88 7.26 -33.76 24.37
CA LEU B 88 8.20 -32.73 24.80
C LEU B 88 7.75 -31.35 24.34
N TRP B 89 7.77 -31.12 23.03
CA TRP B 89 8.27 -29.86 22.48
C TRP B 89 7.32 -28.71 22.80
N LYS B 90 7.79 -27.78 23.63
CA LYS B 90 7.31 -26.40 23.58
C LYS B 90 8.13 -25.56 22.62
N GLY B 91 7.45 -24.79 21.79
CA GLY B 91 8.11 -24.01 20.74
C GLY B 91 7.37 -22.76 20.34
N SER B 92 8.13 -21.76 19.90
CA SER B 92 7.57 -20.53 19.35
C SER B 92 7.84 -20.48 17.85
N PHE B 93 6.92 -19.84 17.13
CA PHE B 93 7.00 -19.76 15.68
C PHE B 93 6.51 -18.41 15.20
N LYS B 94 7.28 -17.79 14.32
CA LYS B 94 6.89 -16.53 13.68
C LYS B 94 6.86 -16.70 12.16
N PRO B 95 5.67 -16.98 11.59
CA PRO B 95 5.46 -17.19 10.16
C PRO B 95 6.16 -16.16 9.30
N SER B 96 6.18 -14.91 9.77
CA SER B 96 6.87 -13.80 9.14
C SER B 96 8.35 -14.09 8.86
N GLU B 97 8.99 -14.82 9.77
CA GLU B 97 10.44 -15.07 9.70
C GLU B 97 10.82 -16.19 8.71
N HIS B 98 9.93 -17.15 8.52
CA HIS B 98 10.20 -18.30 7.63
C HIS B 98 9.12 -18.41 6.56
N VAL B 99 9.07 -17.43 5.66
CA VAL B 99 8.11 -17.49 4.57
C VAL B 99 8.63 -18.41 3.48
N LYS B 100 7.75 -19.32 3.05
CA LYS B 100 8.02 -20.24 1.96
C LYS B 100 6.86 -20.08 0.97
N PRO B 101 6.98 -19.10 0.04
CA PRO B 101 5.92 -18.74 -0.88
C PRO B 101 5.32 -19.93 -1.62
N ARG B 102 4.01 -19.87 -1.83
CA ARG B 102 3.28 -20.85 -2.61
C ARG B 102 3.84 -20.93 -4.04
N ALA B 103 3.81 -22.13 -4.61
CA ALA B 103 4.32 -22.34 -5.97
C ALA B 103 3.39 -21.73 -7.03
N PRO B 104 3.98 -21.06 -8.05
CA PRO B 104 3.14 -20.53 -9.15
C PRO B 104 2.61 -21.68 -10.00
N GLY B 105 1.64 -21.41 -10.86
CA GLY B 105 1.02 -22.49 -11.61
C GLY B 105 0.37 -22.07 -12.92
N ASN B 106 -0.33 -23.03 -13.52
CA ASN B 106 -1.00 -22.84 -14.81
C ASN B 106 -0.06 -22.29 -15.87
N LEU B 107 1.13 -22.89 -15.98
CA LEU B 107 2.15 -22.43 -16.91
C LEU B 107 1.96 -23.03 -18.30
N THR B 108 1.90 -22.17 -19.32
CA THR B 108 1.81 -22.62 -20.71
C THR B 108 2.73 -21.84 -21.64
N VAL B 109 2.85 -22.33 -22.88
CA VAL B 109 3.62 -21.66 -23.92
C VAL B 109 2.70 -21.39 -25.12
N HIS B 110 2.87 -20.22 -25.73
CA HIS B 110 2.02 -19.76 -26.83
C HIS B 110 2.90 -19.16 -27.92
N THR B 111 2.51 -19.34 -29.18
CA THR B 111 3.31 -18.84 -30.31
C THR B 111 2.83 -17.46 -30.78
N GLN B 112 3.74 -16.48 -30.75
CA GLN B 112 3.45 -15.12 -31.15
C GLN B 112 4.11 -14.76 -32.48
N VAL B 113 3.71 -13.61 -33.03
CA VAL B 113 4.30 -13.06 -34.26
C VAL B 113 5.80 -12.79 -34.10
N SER B 114 6.48 -12.60 -35.24
CA SER B 114 7.91 -12.31 -35.25
C SER B 114 8.74 -13.50 -34.78
N ASP B 115 8.18 -14.70 -34.93
CA ASP B 115 8.82 -15.95 -34.51
C ASP B 115 9.29 -15.88 -33.05
N THR B 116 8.50 -15.22 -32.20
CA THR B 116 8.82 -15.12 -30.78
C THR B 116 7.87 -15.97 -29.92
N LEU B 117 8.39 -16.45 -28.80
CA LEU B 117 7.63 -17.29 -27.89
C LEU B 117 7.15 -16.52 -26.69
N LEU B 118 5.95 -16.86 -26.21
CA LEU B 118 5.34 -16.21 -25.07
C LEU B 118 4.96 -17.25 -24.02
N LEU B 119 5.61 -17.17 -22.85
CA LEU B 119 5.28 -18.02 -21.73
C LEU B 119 4.44 -17.23 -20.75
N THR B 120 3.49 -17.90 -20.11
CA THR B 120 2.61 -17.28 -19.13
C THR B 120 2.39 -18.22 -17.95
N TRP B 121 2.19 -17.64 -16.77
CA TRP B 121 1.84 -18.41 -15.58
C TRP B 121 0.92 -17.60 -14.65
N SER B 122 0.44 -18.25 -13.60
CA SER B 122 -0.48 -17.60 -12.66
C SER B 122 0.16 -17.32 -11.33
N ASN B 123 -0.06 -16.11 -10.83
CA ASN B 123 0.35 -15.74 -9.48
C ASN B 123 -0.44 -16.56 -8.48
N PRO B 124 0.26 -17.28 -7.60
CA PRO B 124 -0.38 -18.24 -6.69
C PRO B 124 -1.29 -17.59 -5.64
N TYR B 125 -1.25 -16.27 -5.54
CA TYR B 125 -2.00 -15.54 -4.53
C TYR B 125 -3.11 -14.68 -5.11
N PRO B 126 -4.14 -14.38 -4.28
CA PRO B 126 -5.16 -13.39 -4.64
C PRO B 126 -4.63 -11.97 -4.46
N PRO B 127 -5.13 -11.01 -5.27
CA PRO B 127 -4.65 -9.62 -5.24
C PRO B 127 -4.65 -8.97 -3.86
N ASP B 128 -5.48 -9.49 -2.96
CA ASP B 128 -5.61 -8.99 -1.59
C ASP B 128 -4.37 -9.32 -0.74
N ASN B 129 -3.80 -10.51 -0.97
CA ASN B 129 -2.66 -11.00 -0.22
C ASN B 129 -1.46 -10.08 -0.37
N TYR B 130 -0.67 -9.93 0.70
CA TYR B 130 0.44 -8.99 0.65
C TYR B 130 1.49 -9.33 -0.39
N LEU B 131 1.91 -10.60 -0.42
CA LEU B 131 2.96 -11.05 -1.35
C LEU B 131 2.62 -10.77 -2.81
N TYR B 132 1.33 -10.75 -3.13
CA TYR B 132 0.84 -10.62 -4.51
C TYR B 132 1.64 -9.64 -5.38
N ASN B 133 2.00 -8.49 -4.82
CA ASN B 133 2.72 -7.46 -5.56
C ASN B 133 4.24 -7.55 -5.41
N HIS B 134 4.71 -8.46 -4.57
CA HIS B 134 6.12 -8.53 -4.21
C HIS B 134 6.80 -9.83 -4.65
N LEU B 135 6.18 -10.52 -5.61
CA LEU B 135 6.75 -11.75 -6.15
C LEU B 135 7.56 -11.51 -7.41
N THR B 136 8.86 -11.81 -7.33
CA THR B 136 9.72 -11.84 -8.50
C THR B 136 9.93 -13.31 -8.86
N TYR B 137 9.78 -13.63 -10.13
CA TYR B 137 9.84 -15.02 -10.59
C TYR B 137 11.20 -15.40 -11.18
N ALA B 138 11.39 -16.70 -11.40
CA ALA B 138 12.52 -17.21 -12.16
C ALA B 138 12.02 -18.27 -13.13
N VAL B 139 12.23 -18.04 -14.42
CA VAL B 139 11.86 -19.01 -15.44
C VAL B 139 13.06 -19.88 -15.74
N ASN B 140 12.83 -21.19 -15.78
CA ASN B 140 13.87 -22.15 -16.06
C ASN B 140 13.53 -22.95 -17.31
N ILE B 141 14.25 -22.69 -18.39
CA ILE B 141 14.07 -23.43 -19.64
C ILE B 141 15.30 -24.28 -19.87
N TRP B 142 15.12 -25.59 -20.02
CA TRP B 142 16.24 -26.48 -20.30
C TRP B 142 15.83 -27.58 -21.28
N SER B 143 16.82 -28.07 -22.02
CA SER B 143 16.63 -29.16 -22.96
C SER B 143 16.80 -30.51 -22.26
N GLU B 144 15.88 -31.43 -22.55
CA GLU B 144 15.96 -32.78 -22.00
C GLU B 144 17.08 -33.58 -22.66
N ASN B 145 17.18 -33.47 -23.98
CA ASN B 145 18.23 -34.13 -24.77
C ASN B 145 19.58 -33.93 -24.10
N ASP B 146 20.00 -32.67 -24.02
CA ASP B 146 21.22 -32.30 -23.33
C ASP B 146 20.86 -31.35 -22.20
N PRO B 147 20.72 -31.88 -20.97
CA PRO B 147 20.48 -31.06 -19.76
C PRO B 147 21.55 -30.00 -19.55
N ALA B 148 22.68 -30.14 -20.23
CA ALA B 148 23.76 -29.15 -20.20
C ALA B 148 23.35 -27.87 -20.93
N ASP B 149 22.55 -28.02 -21.99
CA ASP B 149 22.01 -26.87 -22.72
C ASP B 149 20.80 -26.28 -21.99
N PHE B 150 21.07 -25.45 -21.00
CA PHE B 150 20.01 -24.83 -20.20
C PHE B 150 19.98 -23.31 -20.37
N ARG B 151 19.07 -22.66 -19.65
CA ARG B 151 18.89 -21.22 -19.67
C ARG B 151 18.02 -20.82 -18.48
N ILE B 152 18.34 -19.70 -17.85
CA ILE B 152 17.55 -19.23 -16.70
C ILE B 152 17.30 -17.72 -16.75
N TYR B 153 16.03 -17.34 -16.66
CA TYR B 153 15.61 -15.95 -16.75
C TYR B 153 15.14 -15.41 -15.42
N GLN B 154 15.19 -14.08 -15.27
CA GLN B 154 14.77 -13.43 -14.04
C GLN B 154 13.65 -12.41 -14.29
N VAL B 155 12.48 -12.65 -13.71
CA VAL B 155 11.30 -11.79 -13.88
C VAL B 155 11.02 -10.96 -12.61
N THR B 156 11.13 -9.64 -12.74
CA THR B 156 10.99 -8.72 -11.62
C THR B 156 9.78 -7.80 -11.76
N TYR B 157 9.12 -7.86 -12.91
CA TYR B 157 7.91 -7.05 -13.14
C TYR B 157 6.65 -7.69 -12.54
N LEU B 158 5.49 -7.10 -12.83
CA LEU B 158 4.23 -7.56 -12.24
C LEU B 158 3.48 -8.60 -13.07
N GLU B 159 3.50 -8.46 -14.39
CA GLU B 159 2.78 -9.37 -15.27
C GLU B 159 3.49 -10.71 -15.35
N PRO B 160 2.82 -11.79 -14.89
CA PRO B 160 3.42 -13.13 -14.86
C PRO B 160 3.58 -13.70 -16.28
N SER B 161 4.50 -13.10 -17.03
CA SER B 161 4.72 -13.44 -18.43
C SER B 161 6.18 -13.25 -18.85
N LEU B 162 6.57 -13.96 -19.90
CA LEU B 162 7.91 -13.86 -20.47
C LEU B 162 7.86 -14.16 -21.95
N ARG B 163 8.38 -13.22 -22.75
CA ARG B 163 8.50 -13.43 -24.19
C ARG B 163 9.95 -13.41 -24.65
N ILE B 164 10.37 -14.51 -25.28
CA ILE B 164 11.73 -14.64 -25.80
C ILE B 164 11.71 -14.94 -27.31
N ALA B 165 12.87 -14.75 -27.96
CA ALA B 165 13.00 -15.06 -29.38
C ALA B 165 13.34 -16.53 -29.58
N ALA B 166 12.58 -17.19 -30.45
CA ALA B 166 12.78 -18.61 -30.77
C ALA B 166 14.16 -18.89 -31.35
N SER B 167 14.79 -17.86 -31.91
CA SER B 167 16.15 -17.92 -32.41
C SER B 167 17.15 -18.37 -31.33
N THR B 168 16.67 -18.47 -30.09
CA THR B 168 17.49 -18.91 -28.97
C THR B 168 17.35 -20.42 -28.74
N LEU B 169 16.44 -21.05 -29.49
CA LEU B 169 16.26 -22.49 -29.42
C LEU B 169 17.02 -23.19 -30.54
N LYS B 170 17.05 -24.52 -30.48
CA LYS B 170 17.74 -25.32 -31.50
C LYS B 170 16.97 -25.27 -32.82
N SER B 171 15.70 -24.88 -32.73
CA SER B 171 14.79 -25.02 -33.87
C SER B 171 14.45 -26.49 -34.10
N GLY B 172 14.87 -27.34 -33.17
CA GLY B 172 15.03 -28.76 -33.45
C GLY B 172 14.52 -29.54 -32.26
N ILE B 173 15.25 -29.47 -31.15
CA ILE B 173 14.93 -30.26 -29.97
C ILE B 173 13.74 -29.76 -29.15
N SER B 174 13.30 -30.57 -28.20
CA SER B 174 12.20 -30.19 -27.33
C SER B 174 12.71 -29.65 -26.00
N TYR B 175 11.95 -28.73 -25.41
CA TYR B 175 12.39 -28.06 -24.18
C TYR B 175 11.37 -28.19 -23.06
N ARG B 176 11.87 -28.34 -21.84
CA ARG B 176 11.03 -28.29 -20.64
C ARG B 176 11.31 -27.02 -19.84
N ALA B 177 10.28 -26.47 -19.19
CA ALA B 177 10.39 -25.17 -18.53
C ALA B 177 9.53 -25.04 -17.29
N ARG B 178 10.14 -24.60 -16.20
CA ARG B 178 9.43 -24.41 -14.95
C ARG B 178 9.76 -23.09 -14.27
N VAL B 179 8.78 -22.55 -13.57
CA VAL B 179 8.96 -21.31 -12.82
C VAL B 179 8.76 -21.50 -11.32
N ARG B 180 9.38 -20.63 -10.55
CA ARG B 180 9.21 -20.58 -9.11
C ARG B 180 9.30 -19.13 -8.64
N ALA B 181 8.94 -18.89 -7.39
CA ALA B 181 8.86 -17.54 -6.87
C ALA B 181 9.47 -17.38 -5.48
N TRP B 182 9.75 -16.13 -5.13
CA TRP B 182 10.16 -15.75 -3.79
C TRP B 182 9.91 -14.25 -3.63
N ALA B 183 9.64 -13.84 -2.39
CA ALA B 183 9.43 -12.44 -2.08
C ALA B 183 10.71 -11.87 -1.48
N GLN B 184 11.35 -10.97 -2.22
CA GLN B 184 12.57 -10.32 -1.75
C GLN B 184 12.28 -9.41 -0.56
N CYS B 185 11.01 -9.03 -0.39
CA CYS B 185 10.58 -8.16 0.70
C CYS B 185 10.57 -8.88 2.04
N TYR B 186 10.51 -10.21 2.02
CA TYR B 186 10.54 -11.00 3.24
C TYR B 186 11.77 -11.88 3.35
N ASN B 187 12.67 -11.76 2.38
CA ASN B 187 13.87 -12.60 2.31
C ASN B 187 13.50 -14.05 2.55
N THR B 188 12.76 -14.60 1.61
CA THR B 188 12.18 -15.94 1.72
C THR B 188 13.01 -16.94 0.93
N THR B 189 12.86 -18.22 1.27
CA THR B 189 13.37 -19.29 0.42
C THR B 189 12.50 -19.34 -0.83
N TRP B 190 13.05 -19.87 -1.91
CA TRP B 190 12.31 -20.06 -3.16
C TRP B 190 11.10 -20.95 -2.97
N SER B 191 10.13 -20.84 -3.86
CA SER B 191 8.97 -21.73 -3.85
C SER B 191 9.34 -23.07 -4.47
N GLU B 192 8.34 -23.94 -4.61
CA GLU B 192 8.50 -25.16 -5.37
C GLU B 192 8.36 -24.85 -6.86
N TRP B 193 9.08 -25.58 -7.69
CA TRP B 193 8.96 -25.46 -9.14
C TRP B 193 7.56 -25.84 -9.56
N SER B 194 7.00 -25.06 -10.49
CA SER B 194 5.69 -25.36 -11.07
C SER B 194 5.77 -26.63 -11.90
N PRO B 195 4.61 -27.27 -12.18
CA PRO B 195 4.58 -28.42 -13.09
C PRO B 195 5.19 -28.10 -14.46
N SER B 196 6.41 -28.58 -14.68
CA SER B 196 7.16 -28.34 -15.91
C SER B 196 6.35 -28.58 -17.19
N THR B 197 6.60 -27.77 -18.21
CA THR B 197 5.94 -27.91 -19.51
C THR B 197 6.96 -28.25 -20.59
N LYS B 198 6.47 -28.76 -21.72
CA LYS B 198 7.30 -29.04 -22.89
C LYS B 198 6.58 -28.63 -24.17
N TRP B 199 7.33 -28.20 -25.18
CA TRP B 199 6.71 -27.69 -26.40
C TRP B 199 7.45 -28.08 -27.69
N GLN C 4 -29.58 16.87 32.27
CA GLN C 4 -28.62 17.42 31.28
C GLN C 4 -29.33 18.31 30.26
N PRO C 5 -29.39 19.63 30.54
CA PRO C 5 -29.99 20.59 29.61
C PRO C 5 -29.11 20.86 28.38
N PRO C 6 -29.65 21.54 27.35
CA PRO C 6 -28.91 21.81 26.12
C PRO C 6 -27.87 22.92 26.28
N VAL C 7 -26.95 23.02 25.31
CA VAL C 7 -25.92 24.06 25.29
C VAL C 7 -26.46 25.42 24.84
N THR C 8 -25.99 26.48 25.49
CA THR C 8 -26.44 27.84 25.18
C THR C 8 -25.82 28.37 23.90
N ASN C 9 -26.66 29.05 23.10
CA ASN C 9 -26.21 29.82 21.94
C ASN C 9 -25.14 29.36 20.92
N LEU C 10 -25.41 28.21 20.30
CA LEU C 10 -24.52 27.69 19.27
C LEU C 10 -24.24 28.63 18.09
N SER C 11 -22.97 28.88 17.81
CA SER C 11 -22.60 29.81 16.73
C SER C 11 -21.72 29.16 15.67
N VAL C 12 -21.94 29.55 14.41
CA VAL C 12 -21.14 29.06 13.28
C VAL C 12 -20.38 30.22 12.66
N SER C 13 -19.07 30.02 12.48
CA SER C 13 -18.18 31.02 11.90
C SER C 13 -17.23 30.37 10.91
N VAL C 14 -17.03 31.01 9.75
CA VAL C 14 -16.10 30.51 8.75
C VAL C 14 -14.74 31.19 8.89
N GLU C 15 -13.71 30.39 9.11
CA GLU C 15 -12.35 30.88 9.19
C GLU C 15 -11.57 30.41 7.97
N ASN C 16 -10.53 31.16 7.61
CA ASN C 16 -9.75 30.91 6.38
C ASN C 16 -10.66 30.88 5.17
N LEU C 17 -10.47 29.89 4.31
CA LEU C 17 -11.23 29.77 3.08
C LEU C 17 -12.49 28.99 3.43
N CYS C 18 -12.33 27.77 3.94
CA CYS C 18 -13.48 26.95 4.34
C CYS C 18 -13.44 26.22 5.67
N THR C 19 -12.57 26.69 6.57
CA THR C 19 -12.54 26.16 7.93
C THR C 19 -13.82 26.61 8.62
N VAL C 20 -14.83 25.76 8.61
CA VAL C 20 -16.07 26.04 9.31
C VAL C 20 -15.89 25.71 10.78
N ILE C 21 -16.22 26.67 11.65
CA ILE C 21 -16.01 26.52 13.10
C ILE C 21 -17.30 26.75 13.89
N TRP C 22 -17.74 25.70 14.57
CA TRP C 22 -18.87 25.81 15.48
C TRP C 22 -18.40 26.12 16.89
N THR C 23 -19.11 27.02 17.55
CA THR C 23 -18.81 27.37 18.94
C THR C 23 -20.09 27.45 19.76
N TRP C 24 -19.96 27.32 21.07
CA TRP C 24 -21.10 27.39 21.98
C TRP C 24 -20.67 27.61 23.42
N ASN C 25 -21.64 27.82 24.30
CA ASN C 25 -21.36 27.90 25.73
C ASN C 25 -21.89 26.62 26.39
N PRO C 26 -21.40 26.34 27.59
CA PRO C 26 -21.90 25.21 28.38
C PRO C 26 -23.41 25.29 28.43
N PRO C 27 -24.08 24.16 28.64
CA PRO C 27 -25.28 24.11 29.48
C PRO C 27 -25.11 25.15 30.57
N GLU C 28 -25.95 26.19 30.52
CA GLU C 28 -26.07 27.13 31.64
C GLU C 28 -27.56 27.25 31.97
N GLY C 29 -28.00 26.45 32.94
CA GLY C 29 -27.11 25.80 33.88
C GLY C 29 -27.73 24.57 34.52
N ALA C 30 -26.91 23.53 34.69
CA ALA C 30 -26.83 22.83 35.96
C ALA C 30 -25.41 22.88 36.53
N SER C 31 -25.18 22.15 37.61
CA SER C 31 -23.85 22.07 38.21
C SER C 31 -23.47 20.62 38.49
N SER C 32 -24.25 19.95 39.33
CA SER C 32 -24.16 18.51 39.47
C SER C 32 -22.75 18.08 39.88
N ASN C 33 -22.38 16.87 39.50
CA ASN C 33 -20.99 16.44 39.58
C ASN C 33 -20.51 15.79 38.28
N CYS C 34 -21.46 15.23 37.53
CA CYS C 34 -21.16 14.69 36.21
C CYS C 34 -20.52 15.75 35.32
N SER C 35 -19.27 15.52 34.93
CA SER C 35 -18.42 16.56 34.37
C SER C 35 -18.97 17.06 33.03
N LEU C 36 -18.69 18.31 32.71
CA LEU C 36 -19.13 18.90 31.46
C LEU C 36 -18.51 18.18 30.27
N TRP C 37 -19.36 17.68 29.38
CA TRP C 37 -18.90 16.85 28.25
C TRP C 37 -19.84 16.96 27.06
N TYR C 38 -19.26 16.96 25.86
CA TYR C 38 -19.99 17.34 24.65
C TYR C 38 -19.86 16.35 23.50
N PHE C 39 -20.96 16.21 22.74
CA PHE C 39 -21.06 15.26 21.65
C PHE C 39 -21.72 15.95 20.45
N SER C 40 -21.14 15.77 19.27
CA SER C 40 -21.61 16.47 18.07
C SER C 40 -21.66 15.60 16.82
N HIS C 41 -22.80 15.63 16.13
CA HIS C 41 -23.02 14.83 14.93
C HIS C 41 -22.62 15.58 13.66
N PHE C 42 -22.90 14.96 12.53
CA PHE C 42 -23.09 15.69 11.28
C PHE C 42 -24.49 15.37 10.75
N GLY C 43 -24.78 15.77 9.52
CA GLY C 43 -26.09 15.58 8.89
C GLY C 43 -27.06 14.64 9.59
N GLN C 46 -23.32 10.83 11.32
CA GLN C 46 -22.30 10.44 10.34
C GLN C 46 -20.89 10.70 10.89
N ASP C 47 -20.53 11.97 11.02
CA ASP C 47 -19.25 12.36 11.56
C ASP C 47 -19.47 12.63 13.04
N LYS C 48 -19.13 11.64 13.88
CA LYS C 48 -19.36 11.73 15.33
C LYS C 48 -18.09 12.08 16.10
N LYS C 49 -18.26 12.75 17.24
CA LYS C 49 -17.14 13.16 18.09
C LYS C 49 -17.62 13.55 19.49
N ILE C 50 -16.91 13.08 20.50
CA ILE C 50 -17.17 13.46 21.89
C ILE C 50 -15.93 14.12 22.50
N ALA C 51 -16.14 15.29 23.12
CA ALA C 51 -15.05 16.11 23.66
C ALA C 51 -15.52 17.07 24.75
N PRO C 52 -14.59 17.56 25.60
CA PRO C 52 -14.94 18.58 26.59
C PRO C 52 -15.03 20.00 26.03
N GLU C 53 -14.25 20.31 25.00
CA GLU C 53 -14.21 21.67 24.45
C GLU C 53 -15.57 22.12 23.96
N THR C 54 -15.85 23.41 24.15
CA THR C 54 -17.14 24.00 23.80
C THR C 54 -17.16 24.47 22.34
N ARG C 55 -16.30 23.85 21.52
CA ARG C 55 -16.19 24.21 20.11
C ARG C 55 -15.72 23.02 19.26
N ARG C 56 -16.02 23.08 17.97
CA ARG C 56 -15.54 22.08 17.02
C ARG C 56 -15.17 22.73 15.69
N SER C 57 -13.95 22.48 15.24
CA SER C 57 -13.44 23.04 14.00
C SER C 57 -13.29 21.95 12.94
N ILE C 58 -13.95 22.16 11.80
CA ILE C 58 -13.91 21.20 10.70
C ILE C 58 -13.46 21.89 9.40
N GLU C 59 -12.71 21.15 8.61
CA GLU C 59 -12.29 21.59 7.29
C GLU C 59 -13.15 20.85 6.28
N VAL C 60 -13.94 21.60 5.51
CA VAL C 60 -14.91 21.00 4.61
C VAL C 60 -15.24 22.00 3.51
N PRO C 61 -15.46 21.53 2.26
CA PRO C 61 -15.95 22.45 1.25
C PRO C 61 -17.34 22.99 1.58
N LEU C 62 -17.70 24.09 0.93
CA LEU C 62 -19.00 24.72 1.16
C LEU C 62 -19.88 24.65 -0.08
N ASN C 63 -19.69 23.60 -0.88
CA ASN C 63 -20.51 23.40 -2.07
C ASN C 63 -21.92 22.94 -1.71
N GLU C 64 -22.20 22.91 -0.40
CA GLU C 64 -23.50 22.54 0.14
C GLU C 64 -23.70 23.12 1.54
N ARG C 65 -24.82 22.77 2.16
CA ARG C 65 -25.12 23.18 3.52
C ARG C 65 -24.63 22.12 4.51
N ILE C 66 -24.37 22.56 5.74
CA ILE C 66 -23.79 21.68 6.76
C ILE C 66 -24.29 22.02 8.17
N CYS C 67 -24.84 21.02 8.84
CA CYS C 67 -25.43 21.21 10.16
C CYS C 67 -24.72 20.42 11.24
N LEU C 68 -24.29 21.13 12.28
CA LEU C 68 -23.81 20.47 13.49
C LEU C 68 -24.93 20.46 14.52
N GLN C 69 -25.13 19.28 15.12
CA GLN C 69 -26.05 19.10 16.24
C GLN C 69 -25.21 18.80 17.46
N VAL C 70 -25.61 19.32 18.63
CA VAL C 70 -24.80 19.17 19.84
C VAL C 70 -25.61 18.77 21.08
N GLY C 71 -25.18 17.71 21.74
CA GLY C 71 -25.79 17.27 22.99
C GLY C 71 -24.91 17.52 24.20
N SER C 72 -25.31 16.97 25.34
CA SER C 72 -24.51 17.05 26.56
C SER C 72 -24.74 15.83 27.45
N GLN C 73 -23.64 15.24 27.93
CA GLN C 73 -23.72 14.05 28.76
C GLN C 73 -22.43 13.83 29.53
N CYS C 74 -22.16 12.58 29.89
CA CYS C 74 -20.94 12.23 30.60
C CYS C 74 -20.57 10.77 30.37
N ILE C 84 -30.97 15.65 24.18
CA ILE C 84 -31.45 16.88 23.55
C ILE C 84 -30.37 17.51 22.70
N LEU C 85 -30.68 17.76 21.43
CA LEU C 85 -29.72 18.29 20.47
C LEU C 85 -30.04 19.70 19.99
N VAL C 86 -28.98 20.50 19.83
CA VAL C 86 -29.08 21.86 19.31
C VAL C 86 -28.40 21.89 17.93
N GLU C 87 -29.05 22.49 16.95
CA GLU C 87 -28.56 22.46 15.57
C GLU C 87 -28.36 23.84 14.95
N LYS C 88 -27.11 24.18 14.66
CA LYS C 88 -26.79 25.40 13.92
C LYS C 88 -26.06 25.06 12.61
N CYS C 89 -26.39 25.77 11.54
CA CYS C 89 -25.90 25.44 10.19
C CYS C 89 -25.41 26.65 9.42
N ILE C 90 -24.48 26.40 8.50
CA ILE C 90 -24.00 27.43 7.58
C ILE C 90 -24.39 27.08 6.14
N SER C 91 -24.66 28.10 5.34
CA SER C 91 -25.05 27.94 3.96
C SER C 91 -24.09 28.69 3.04
N PRO C 92 -23.91 28.21 1.80
CA PRO C 92 -23.11 28.91 0.79
C PRO C 92 -23.91 30.00 0.09
N PRO C 93 -23.19 31.00 -0.51
CA PRO C 93 -23.74 32.07 -1.36
C PRO C 93 -23.76 31.73 -2.86
N GLU C 94 -24.93 31.94 -3.50
CA GLU C 94 -25.22 31.23 -4.75
C GLU C 94 -25.69 32.12 -5.89
N GLY C 95 -25.70 31.58 -7.11
CA GLY C 95 -26.06 32.37 -8.30
C GLY C 95 -26.73 31.60 -9.43
N PRO C 97 -26.63 28.67 -8.49
CA PRO C 97 -25.79 27.50 -8.33
C PRO C 97 -25.25 26.99 -9.67
N GLU C 98 -26.07 27.04 -10.71
CA GLU C 98 -25.68 26.65 -12.06
C GLU C 98 -24.57 27.57 -12.60
N SER C 99 -24.40 28.72 -11.96
CA SER C 99 -23.35 29.67 -12.31
C SER C 99 -22.07 29.37 -11.52
N ALA C 100 -21.52 28.18 -11.71
CA ALA C 100 -20.37 27.74 -10.92
C ALA C 100 -19.43 26.85 -11.71
N VAL C 101 -18.16 26.85 -11.34
CA VAL C 101 -17.14 26.16 -12.11
C VAL C 101 -17.28 24.64 -12.03
N THR C 102 -17.20 23.99 -13.19
CA THR C 102 -17.33 22.55 -13.27
C THR C 102 -15.94 21.92 -13.34
N GLU C 103 -15.82 20.71 -12.79
CA GLU C 103 -14.61 19.90 -12.86
C GLU C 103 -13.35 20.61 -12.34
N LEU C 104 -13.49 21.32 -11.22
CA LEU C 104 -12.38 22.01 -10.57
C LEU C 104 -11.38 21.01 -10.00
N GLN C 105 -10.16 21.01 -10.54
CA GLN C 105 -9.14 20.02 -10.22
C GLN C 105 -7.76 20.65 -10.01
N CYS C 106 -6.98 20.09 -9.08
CA CYS C 106 -5.60 20.54 -8.87
C CYS C 106 -4.59 19.40 -8.90
N ILE C 107 -3.33 19.74 -9.21
CA ILE C 107 -2.23 18.79 -9.17
C ILE C 107 -0.96 19.46 -8.63
N TRP C 108 -0.34 18.84 -7.62
CA TRP C 108 0.95 19.28 -7.16
C TRP C 108 2.00 18.74 -8.11
N HIS C 109 2.52 19.61 -8.96
CA HIS C 109 3.56 19.23 -9.90
C HIS C 109 4.91 19.15 -9.20
N ASN C 110 5.54 17.97 -9.29
CA ASN C 110 6.90 17.75 -8.82
C ASN C 110 7.20 18.37 -7.46
N LEU C 111 6.16 18.59 -6.67
CA LEU C 111 6.27 19.26 -5.36
C LEU C 111 6.84 20.68 -5.40
N SER C 112 6.71 21.35 -6.55
CA SER C 112 7.24 22.71 -6.71
C SER C 112 6.15 23.77 -6.77
N TYR C 113 5.14 23.53 -7.61
CA TYR C 113 4.05 24.45 -7.81
C TYR C 113 2.76 23.66 -7.99
N MET C 114 1.65 24.31 -7.69
CA MET C 114 0.33 23.71 -7.84
C MET C 114 -0.29 24.24 -9.12
N LYS C 115 -0.94 23.37 -9.88
CA LYS C 115 -1.59 23.76 -11.12
C LYS C 115 -3.04 23.31 -11.17
N CYS C 116 -3.95 24.26 -10.95
CA CYS C 116 -5.39 24.01 -10.97
C CYS C 116 -6.05 24.53 -12.24
N SER C 117 -7.02 23.76 -12.73
CA SER C 117 -7.82 24.13 -13.90
C SER C 117 -9.29 23.87 -13.64
N TRP C 118 -10.16 24.58 -14.36
CA TRP C 118 -11.62 24.34 -14.28
C TRP C 118 -12.33 24.67 -15.57
N LEU C 119 -13.58 24.22 -15.66
CA LEU C 119 -14.45 24.59 -16.76
C LEU C 119 -15.54 25.53 -16.23
N PRO C 120 -16.26 26.18 -17.13
CA PRO C 120 -17.35 27.09 -16.75
C PRO C 120 -18.57 26.33 -16.28
N GLY C 121 -19.56 27.04 -15.75
CA GLY C 121 -20.84 26.47 -15.42
C GLY C 121 -21.84 26.56 -16.56
N ARG C 122 -22.61 25.50 -16.75
CA ARG C 122 -23.57 25.43 -17.85
C ARG C 122 -24.84 26.20 -17.51
N PRO C 126 -21.74 33.68 -18.29
CA PRO C 126 -21.91 34.63 -19.39
C PRO C 126 -20.70 34.92 -20.27
N ASP C 127 -20.10 36.08 -20.05
CA ASP C 127 -18.69 36.30 -20.33
C ASP C 127 -18.05 36.97 -19.14
N THR C 128 -17.44 36.15 -18.28
CA THR C 128 -17.26 36.49 -16.91
C THR C 128 -15.85 36.14 -16.55
N ASN C 129 -15.34 36.78 -15.53
CA ASN C 129 -13.96 36.58 -15.10
C ASN C 129 -13.89 35.74 -13.84
N TYR C 130 -12.92 34.84 -13.78
CA TYR C 130 -12.71 34.01 -12.61
C TYR C 130 -11.47 34.41 -11.85
N THR C 131 -11.53 34.28 -10.53
CA THR C 131 -10.36 34.43 -9.67
C THR C 131 -10.28 33.23 -8.75
N LEU C 132 -9.08 32.69 -8.61
CA LEU C 132 -8.84 31.59 -7.69
C LEU C 132 -8.01 32.06 -6.52
N TYR C 133 -8.49 31.70 -5.34
CA TYR C 133 -7.81 31.99 -4.08
C TYR C 133 -7.35 30.67 -3.49
N TYR C 134 -6.30 30.73 -2.68
CA TYR C 134 -5.80 29.54 -2.01
C TYR C 134 -5.23 29.89 -0.65
N TRP C 135 -5.36 28.95 0.29
CA TRP C 135 -4.77 29.10 1.61
C TRP C 135 -4.30 27.74 2.13
N HIS C 136 -3.33 27.77 3.04
CA HIS C 136 -2.92 26.58 3.79
C HIS C 136 -2.16 26.94 5.07
N ARG C 137 -1.67 25.90 5.75
CA ARG C 137 -1.17 26.00 7.12
C ARG C 137 -0.23 27.18 7.43
N SER C 138 0.65 27.51 6.49
CA SER C 138 1.68 28.50 6.72
C SER C 138 1.57 29.69 5.78
N LEU C 139 0.53 30.51 5.96
CA LEU C 139 0.29 31.67 5.11
C LEU C 139 -0.47 32.74 5.89
N GLU C 140 0.21 33.83 6.22
CA GLU C 140 -0.36 34.90 7.04
C GLU C 140 -1.66 35.46 6.44
N LYS C 141 -1.87 35.25 5.15
CA LYS C 141 -3.09 35.68 4.46
C LYS C 141 -3.54 34.64 3.43
N ILE C 142 -4.84 34.61 3.17
CA ILE C 142 -5.36 33.90 2.00
C ILE C 142 -4.75 34.59 0.80
N HIS C 143 -4.10 33.82 -0.08
CA HIS C 143 -3.48 34.41 -1.26
C HIS C 143 -4.33 34.23 -2.50
N GLN C 144 -4.25 35.22 -3.38
CA GLN C 144 -4.92 35.15 -4.67
C GLN C 144 -3.91 34.74 -5.73
N CYS C 145 -4.28 33.75 -6.54
CA CYS C 145 -3.40 33.26 -7.61
C CYS C 145 -3.39 34.21 -8.80
N GLU C 146 -2.20 34.48 -9.33
CA GLU C 146 -2.02 35.47 -10.39
C GLU C 146 -1.59 34.86 -11.73
N ASN C 147 -0.95 33.70 -11.69
CA ASN C 147 -0.51 33.02 -12.90
C ASN C 147 -1.61 32.20 -13.54
N ILE C 148 -2.53 32.91 -14.18
CA ILE C 148 -3.65 32.27 -14.85
C ILE C 148 -3.23 31.70 -16.20
N PHE C 149 -3.99 30.72 -16.71
CA PHE C 149 -3.74 30.17 -18.05
C PHE C 149 -5.01 29.74 -18.77
N ARG C 150 -4.87 29.48 -20.08
CA ARG C 150 -5.98 29.04 -20.92
C ARG C 150 -5.55 27.94 -21.87
N GLU C 151 -6.19 26.78 -21.76
CA GLU C 151 -5.95 25.65 -22.64
C GLU C 151 -7.28 25.17 -23.20
N GLY C 152 -7.56 25.56 -24.44
CA GLY C 152 -8.84 25.28 -25.07
C GLY C 152 -9.99 25.82 -24.26
N GLN C 153 -10.89 24.92 -23.86
CA GLN C 153 -12.09 25.29 -23.12
C GLN C 153 -11.85 25.56 -21.63
N TYR C 154 -10.60 25.43 -21.19
CA TYR C 154 -10.25 25.47 -19.76
C TYR C 154 -9.66 26.79 -19.24
N PHE C 155 -10.02 27.12 -18.01
CA PHE C 155 -9.44 28.23 -17.27
C PHE C 155 -8.63 27.64 -16.13
N GLY C 156 -7.49 28.24 -15.83
CA GLY C 156 -6.61 27.67 -14.81
C GLY C 156 -5.61 28.61 -14.20
N CYS C 157 -4.95 28.14 -13.15
CA CYS C 157 -3.92 28.92 -12.47
C CYS C 157 -2.77 28.02 -12.03
N SER C 158 -1.65 28.66 -11.72
CA SER C 158 -0.50 27.97 -11.16
C SER C 158 0.17 28.82 -10.10
N PHE C 159 0.22 28.31 -8.88
CA PHE C 159 1.00 28.98 -7.85
C PHE C 159 2.11 28.08 -7.35
N ASP C 160 3.22 28.69 -6.94
CA ASP C 160 4.32 27.97 -6.33
C ASP C 160 3.93 27.46 -4.95
N LEU C 161 4.45 26.27 -4.62
CA LEU C 161 4.13 25.60 -3.38
C LEU C 161 5.22 24.58 -3.11
N THR C 162 6.08 24.90 -2.15
CA THR C 162 7.29 24.11 -1.91
C THR C 162 7.31 23.45 -0.54
N LYS C 163 7.77 22.20 -0.52
CA LYS C 163 7.92 21.42 0.72
C LYS C 163 9.04 21.98 1.58
N HIS C 172 0.55 19.68 5.39
CA HIS C 172 -0.84 19.24 5.45
C HIS C 172 -1.65 19.73 4.24
N SER C 173 -2.93 19.99 4.45
CA SER C 173 -3.86 20.23 3.34
C SER C 173 -3.85 21.66 2.80
N VAL C 174 -4.41 21.86 1.61
CA VAL C 174 -4.55 23.19 1.01
C VAL C 174 -6.00 23.48 0.60
N GLN C 175 -6.45 24.70 0.87
CA GLN C 175 -7.81 25.13 0.51
C GLN C 175 -7.81 25.96 -0.76
N ILE C 176 -8.70 25.60 -1.67
CA ILE C 176 -8.82 26.27 -2.95
C ILE C 176 -10.27 26.66 -3.18
N MET C 177 -10.49 27.92 -3.53
CA MET C 177 -11.81 28.36 -3.98
C MET C 177 -11.72 29.28 -5.19
N VAL C 178 -12.72 29.19 -6.05
CA VAL C 178 -12.80 30.02 -7.25
C VAL C 178 -14.19 30.63 -7.44
N LYS C 179 -14.22 31.93 -7.69
CA LYS C 179 -15.47 32.70 -7.79
C LYS C 179 -15.43 33.60 -9.01
N ASP C 180 -16.28 34.64 -9.01
CA ASP C 180 -16.26 35.67 -10.03
C ASP C 180 -15.81 37.01 -9.47
N ASN C 181 -15.09 37.77 -10.30
CA ASN C 181 -14.65 39.12 -9.96
C ASN C 181 -15.80 40.03 -9.55
N ALA C 182 -16.98 39.76 -10.10
CA ALA C 182 -18.13 40.59 -9.84
C ALA C 182 -19.30 39.76 -9.33
N GLY C 183 -19.15 39.22 -8.12
CA GLY C 183 -20.19 38.39 -7.50
C GLY C 183 -20.81 37.44 -8.51
N LYS C 184 -22.13 37.52 -8.64
CA LYS C 184 -22.90 36.78 -9.65
C LYS C 184 -22.91 35.25 -9.52
N ILE C 185 -21.74 34.62 -9.44
CA ILE C 185 -21.66 33.15 -9.47
C ILE C 185 -21.45 32.48 -8.11
N LYS C 186 -22.09 31.33 -7.92
CA LYS C 186 -21.89 30.52 -6.73
C LYS C 186 -20.44 30.07 -6.65
N PRO C 187 -19.70 30.55 -5.63
CA PRO C 187 -18.32 30.17 -5.39
C PRO C 187 -18.15 28.67 -5.39
N SER C 188 -16.93 28.21 -5.71
CA SER C 188 -16.67 26.79 -5.77
C SER C 188 -15.42 26.42 -4.99
N PHE C 189 -15.58 25.48 -4.07
CA PHE C 189 -14.52 25.09 -3.16
C PHE C 189 -13.89 23.73 -3.49
N ASN C 190 -12.74 23.49 -2.88
CA ASN C 190 -11.94 22.31 -3.14
C ASN C 190 -10.86 22.20 -2.08
N ILE C 191 -10.79 21.05 -1.43
CA ILE C 191 -9.73 20.79 -0.45
C ILE C 191 -8.81 19.74 -1.03
N VAL C 192 -7.53 20.09 -1.15
CA VAL C 192 -6.55 19.17 -1.72
C VAL C 192 -5.68 18.60 -0.60
N PRO C 193 -5.77 17.28 -0.39
CA PRO C 193 -5.15 16.60 0.75
C PRO C 193 -3.65 16.85 0.91
N LEU C 194 -2.94 17.02 -0.20
CA LEU C 194 -1.49 17.29 -0.22
C LEU C 194 -0.65 16.01 -0.05
N THR C 195 -1.33 14.87 0.00
CA THR C 195 -0.69 13.57 -0.05
C THR C 195 -1.19 12.84 -1.29
N SER C 196 -2.04 13.52 -2.06
CA SER C 196 -2.47 13.03 -3.35
C SER C 196 -2.18 14.10 -4.37
N ARG C 197 -2.59 13.86 -5.62
CA ARG C 197 -2.46 14.86 -6.69
C ARG C 197 -1.01 15.30 -6.89
N VAL C 198 -0.08 14.37 -6.65
CA VAL C 198 1.34 14.64 -6.86
C VAL C 198 1.80 14.00 -8.16
N LYS C 199 2.16 14.82 -9.14
CA LYS C 199 2.70 14.32 -10.40
C LYS C 199 4.19 14.67 -10.50
N PRO C 200 5.07 13.66 -10.32
CA PRO C 200 6.51 13.88 -10.34
C PRO C 200 6.95 14.27 -11.74
N ASP C 201 8.10 14.94 -11.83
CA ASP C 201 8.72 15.24 -13.12
C ASP C 201 9.20 13.94 -13.76
N PRO C 202 9.48 13.96 -15.08
CA PRO C 202 9.91 12.72 -15.73
C PRO C 202 11.34 12.35 -15.32
N PRO C 203 11.64 11.05 -15.26
CA PRO C 203 12.99 10.59 -14.97
C PRO C 203 13.90 10.71 -16.20
N HIS C 204 15.17 10.36 -16.02
CA HIS C 204 16.15 10.47 -17.09
C HIS C 204 16.96 9.19 -17.15
N ILE C 205 16.96 8.53 -18.30
CA ILE C 205 17.79 7.34 -18.50
C ILE C 205 19.25 7.74 -18.47
N LYS C 206 20.03 7.04 -17.65
CA LYS C 206 21.45 7.34 -17.52
C LYS C 206 22.35 6.41 -18.35
N ASN C 207 21.88 5.19 -18.60
CA ASN C 207 22.55 4.29 -19.53
C ASN C 207 21.86 2.95 -19.72
N LEU C 208 22.14 2.35 -20.88
CA LEU C 208 21.67 1.01 -21.23
C LEU C 208 22.87 0.11 -21.40
N SER C 209 22.76 -1.14 -20.94
CA SER C 209 23.88 -2.08 -21.03
C SER C 209 23.42 -3.53 -21.22
N PHE C 210 24.32 -4.36 -21.75
CA PHE C 210 24.07 -5.78 -21.88
C PHE C 210 25.05 -6.63 -21.08
N HIS C 211 24.59 -7.81 -20.69
CA HIS C 211 25.41 -8.82 -20.05
C HIS C 211 24.81 -10.19 -20.37
N ASN C 212 25.47 -10.92 -21.26
CA ASN C 212 25.01 -12.24 -21.72
C ASN C 212 23.51 -12.28 -22.09
N ASP C 213 23.04 -11.22 -22.74
CA ASP C 213 21.66 -11.09 -23.24
C ASP C 213 20.60 -10.61 -22.22
N ASP C 214 21.06 -10.13 -21.06
CA ASP C 214 20.17 -9.44 -20.12
C ASP C 214 20.37 -7.94 -20.27
N LEU C 215 19.33 -7.22 -20.68
CA LEU C 215 19.44 -5.78 -20.79
C LEU C 215 19.22 -5.12 -19.44
N TYR C 216 20.12 -4.20 -19.11
CA TYR C 216 20.02 -3.45 -17.87
C TYR C 216 19.75 -1.99 -18.17
N VAL C 217 18.74 -1.45 -17.51
CA VAL C 217 18.33 -0.07 -17.68
C VAL C 217 18.55 0.68 -16.37
N GLN C 218 19.28 1.79 -16.45
CA GLN C 218 19.57 2.60 -15.28
C GLN C 218 19.16 4.03 -15.56
N TRP C 219 18.20 4.52 -14.77
CA TRP C 219 17.67 5.87 -14.94
C TRP C 219 17.82 6.66 -13.65
N GLU C 220 17.58 7.97 -13.72
CA GLU C 220 17.61 8.82 -12.56
C GLU C 220 16.21 9.35 -12.26
N ASN C 221 15.73 9.06 -11.05
CA ASN C 221 14.45 9.54 -10.55
C ASN C 221 14.45 11.05 -10.44
N PRO C 222 13.25 11.68 -10.53
CA PRO C 222 13.20 13.13 -10.39
C PRO C 222 13.75 13.61 -9.05
N GLN C 223 14.12 14.89 -9.00
CA GLN C 223 14.85 15.48 -7.89
C GLN C 223 14.32 15.12 -6.50
N ASN C 224 13.11 15.57 -6.18
CA ASN C 224 12.59 15.48 -4.82
C ASN C 224 11.83 14.18 -4.53
N PHE C 225 12.29 13.07 -5.11
CA PHE C 225 11.69 11.77 -4.79
C PHE C 225 12.74 10.68 -4.60
N ILE C 226 12.48 9.84 -3.61
CA ILE C 226 13.29 8.65 -3.39
C ILE C 226 12.58 7.44 -3.97
N SER C 227 13.35 6.56 -4.60
CA SER C 227 12.81 5.35 -5.24
C SER C 227 11.71 4.67 -4.43
N ARG C 228 11.94 4.60 -3.13
CA ARG C 228 11.03 4.01 -2.16
C ARG C 228 9.57 4.46 -2.27
N CYS C 229 9.36 5.69 -2.73
CA CYS C 229 8.02 6.28 -2.86
C CYS C 229 7.41 6.15 -4.25
N LEU C 230 8.16 5.57 -5.18
CA LEU C 230 7.76 5.57 -6.58
C LEU C 230 7.37 4.20 -7.11
N PHE C 231 6.72 4.22 -8.27
CA PHE C 231 6.26 3.02 -8.98
C PHE C 231 6.61 3.25 -10.44
N TYR C 232 7.11 2.22 -11.12
CA TYR C 232 7.69 2.43 -12.45
C TYR C 232 7.03 1.68 -13.60
N GLU C 233 7.11 2.30 -14.78
CA GLU C 233 6.74 1.68 -16.05
C GLU C 233 7.88 1.89 -17.03
N VAL C 234 8.37 0.79 -17.59
CA VAL C 234 9.40 0.79 -18.61
C VAL C 234 8.80 0.27 -19.91
N GLU C 235 9.02 0.97 -21.01
CA GLU C 235 8.60 0.47 -22.33
C GLU C 235 9.80 0.17 -23.22
N VAL C 236 9.67 -0.86 -24.06
CA VAL C 236 10.75 -1.30 -24.93
C VAL C 236 10.23 -1.68 -26.30
N ASN C 237 10.90 -1.22 -27.35
CA ASN C 237 10.43 -1.39 -28.72
C ASN C 237 11.45 -2.05 -29.62
N ASN C 238 11.00 -3.01 -30.43
CA ASN C 238 11.88 -3.93 -31.14
C ASN C 238 11.66 -3.89 -32.64
N THR C 241 7.56 -5.59 -37.97
CA THR C 241 8.56 -4.75 -37.32
C THR C 241 8.30 -4.58 -35.83
N GLU C 242 7.23 -3.85 -35.50
CA GLU C 242 7.01 -3.29 -34.18
C GLU C 242 6.74 -4.33 -33.10
N THR C 243 7.18 -4.04 -31.88
CA THR C 243 6.81 -4.81 -30.69
C THR C 243 6.87 -3.89 -29.46
N HIS C 244 5.75 -3.22 -29.18
CA HIS C 244 5.63 -2.32 -28.03
C HIS C 244 5.48 -3.10 -26.73
N ASN C 245 6.60 -3.38 -26.07
CA ASN C 245 6.56 -4.03 -24.78
C ASN C 245 6.55 -3.03 -23.65
N VAL C 246 5.92 -3.40 -22.54
CA VAL C 246 5.77 -2.49 -21.41
C VAL C 246 5.63 -3.25 -20.10
N PHE C 247 6.43 -2.85 -19.11
CA PHE C 247 6.49 -3.54 -17.83
C PHE C 247 6.06 -2.63 -16.69
N TYR C 248 5.71 -3.25 -15.57
CA TYR C 248 5.34 -2.51 -14.37
C TYR C 248 6.14 -3.04 -13.20
N VAL C 249 6.99 -2.20 -12.64
CA VAL C 249 7.88 -2.63 -11.58
C VAL C 249 7.55 -1.98 -10.24
N GLN C 250 7.29 -2.83 -9.25
CA GLN C 250 6.97 -2.39 -7.89
C GLN C 250 8.19 -1.74 -7.24
N GLU C 251 9.36 -2.36 -7.42
CA GLU C 251 10.61 -1.81 -6.89
C GLU C 251 11.79 -2.06 -7.82
N ALA C 252 12.62 -1.04 -7.98
CA ALA C 252 13.78 -1.12 -8.83
C ALA C 252 15.06 -0.97 -8.02
N LYS C 253 15.13 -1.71 -6.91
CA LYS C 253 16.35 -1.77 -6.11
C LYS C 253 17.49 -2.10 -7.05
N CYS C 254 18.59 -1.36 -6.92
CA CYS C 254 19.66 -1.44 -7.90
C CYS C 254 20.93 -2.08 -7.34
N GLU C 255 21.19 -3.32 -7.75
CA GLU C 255 22.37 -4.04 -7.29
C GLU C 255 23.03 -4.93 -8.33
N ASN C 256 23.52 -4.31 -9.41
CA ASN C 256 24.63 -4.84 -10.19
C ASN C 256 25.63 -3.71 -10.46
N PRO C 257 26.65 -3.57 -9.60
CA PRO C 257 27.64 -2.50 -9.78
C PRO C 257 28.71 -2.80 -10.83
N GLU C 258 28.34 -3.52 -11.88
CA GLU C 258 29.27 -3.86 -12.95
C GLU C 258 28.74 -3.40 -14.30
N PHE C 259 27.44 -3.57 -14.49
CA PHE C 259 26.77 -3.14 -15.71
C PHE C 259 26.02 -1.81 -15.51
N GLU C 260 26.54 -0.99 -14.59
CA GLU C 260 26.01 0.35 -14.38
C GLU C 260 27.14 1.31 -14.01
N ARG C 261 26.77 2.58 -13.91
CA ARG C 261 27.41 3.52 -13.00
C ARG C 261 26.53 3.47 -11.77
N ASN C 262 26.91 4.16 -10.71
CA ASN C 262 26.08 4.19 -9.51
C ASN C 262 25.95 5.59 -8.92
N VAL C 263 24.85 6.26 -9.24
CA VAL C 263 24.59 7.60 -8.72
C VAL C 263 23.82 7.54 -7.39
N GLU C 264 23.35 6.35 -7.03
CA GLU C 264 22.57 6.15 -5.80
C GLU C 264 21.53 7.25 -5.56
N ASN C 265 21.26 7.99 -6.62
CA ASN C 265 20.01 8.69 -6.79
C ASN C 265 19.30 7.92 -7.90
N THR C 266 19.78 6.69 -8.11
CA THR C 266 19.46 5.90 -9.29
C THR C 266 18.68 4.62 -8.98
N SER C 267 17.79 4.26 -9.90
CA SER C 267 17.06 3.01 -9.83
C SER C 267 17.30 2.21 -11.10
N CYS C 268 17.13 0.89 -11.01
CA CYS C 268 17.53 -0.01 -12.10
C CYS C 268 16.57 -1.17 -12.33
N PHE C 269 16.31 -1.44 -13.59
CA PHE C 269 15.44 -2.54 -14.00
C PHE C 269 16.15 -3.40 -15.04
N MET C 270 15.84 -4.69 -15.05
CA MET C 270 16.42 -5.62 -16.00
C MET C 270 15.35 -6.27 -16.87
N VAL C 271 15.45 -6.05 -18.18
CA VAL C 271 14.51 -6.62 -19.15
C VAL C 271 15.12 -7.90 -19.74
N PRO C 272 14.67 -9.07 -19.24
CA PRO C 272 15.22 -10.35 -19.69
C PRO C 272 14.62 -10.82 -21.00
N GLY C 273 15.41 -11.56 -21.78
CA GLY C 273 14.95 -12.16 -23.02
C GLY C 273 14.98 -11.22 -24.20
N VAL C 274 15.90 -10.26 -24.18
CA VAL C 274 16.12 -9.39 -25.34
C VAL C 274 17.52 -9.59 -25.88
N LEU C 275 17.61 -9.67 -27.21
CA LEU C 275 18.88 -9.88 -27.89
C LEU C 275 19.48 -8.55 -28.37
N PRO C 276 20.83 -8.45 -28.36
CA PRO C 276 21.54 -7.25 -28.82
C PRO C 276 21.46 -7.01 -30.34
N ASP C 277 21.08 -8.04 -31.10
CA ASP C 277 21.06 -7.95 -32.56
C ASP C 277 20.01 -7.00 -33.14
N THR C 278 18.97 -6.71 -32.35
CA THR C 278 17.92 -5.79 -32.77
C THR C 278 18.06 -4.48 -32.02
N LEU C 279 17.54 -3.39 -32.61
CA LEU C 279 17.52 -2.10 -31.92
C LEU C 279 16.32 -1.98 -30.98
N ASN C 280 16.59 -2.03 -29.69
CA ASN C 280 15.56 -1.74 -28.68
C ASN C 280 15.58 -0.27 -28.32
N THR C 281 14.40 0.34 -28.22
CA THR C 281 14.29 1.73 -27.77
C THR C 281 13.55 1.79 -26.43
N VAL C 282 14.15 2.46 -25.45
CA VAL C 282 13.63 2.46 -24.07
C VAL C 282 13.18 3.84 -23.58
N ARG C 283 12.07 3.86 -22.85
CA ARG C 283 11.60 5.04 -22.12
C ARG C 283 11.19 4.61 -20.71
N ILE C 284 11.16 5.58 -19.79
CA ILE C 284 10.79 5.31 -18.42
C ILE C 284 9.70 6.28 -18.00
N ARG C 285 8.90 5.85 -17.00
CA ARG C 285 7.82 6.66 -16.46
C ARG C 285 7.77 6.40 -14.96
N VAL C 286 7.11 7.29 -14.22
CA VAL C 286 7.09 7.18 -12.76
C VAL C 286 5.83 7.80 -12.13
N LYS C 287 5.46 7.29 -10.96
CA LYS C 287 4.33 7.81 -10.19
C LYS C 287 4.47 7.43 -8.72
N THR C 288 3.88 8.22 -7.83
CA THR C 288 3.91 7.95 -6.41
C THR C 288 2.98 6.79 -6.09
N ASN C 289 3.46 5.83 -5.29
CA ASN C 289 2.65 4.67 -4.92
C ASN C 289 1.71 4.93 -3.73
N LYS C 290 1.17 3.85 -3.16
CA LYS C 290 0.19 3.92 -2.07
C LYS C 290 0.82 4.27 -0.72
N LEU C 291 2.12 4.04 -0.60
CA LEU C 291 2.90 4.47 0.55
C LEU C 291 3.44 5.85 0.19
N CYS C 292 3.84 6.62 1.19
CA CYS C 292 4.35 8.00 0.98
C CYS C 292 3.25 9.01 0.64
N TYR C 293 2.60 8.78 -0.50
CA TYR C 293 1.44 9.57 -0.92
C TYR C 293 0.36 8.60 -1.43
N GLU C 294 -0.61 9.12 -2.18
CA GLU C 294 -1.67 8.28 -2.71
C GLU C 294 -1.34 7.70 -4.08
N ASP C 295 -2.08 6.67 -4.47
CA ASP C 295 -2.01 6.11 -5.81
C ASP C 295 -3.13 6.74 -6.65
N ASP C 296 -2.98 8.02 -6.96
CA ASP C 296 -3.94 8.74 -7.80
C ASP C 296 -3.73 8.49 -9.30
N LYS C 297 -2.90 7.49 -9.62
CA LYS C 297 -2.61 7.09 -11.00
C LYS C 297 -2.13 8.27 -11.86
N LEU C 298 -1.27 9.11 -11.28
CA LEU C 298 -0.76 10.28 -11.97
C LEU C 298 0.67 10.07 -12.45
N TRP C 299 0.79 9.44 -13.61
CA TRP C 299 2.07 9.20 -14.22
C TRP C 299 2.74 10.50 -14.63
N SER C 300 4.05 10.57 -14.40
CA SER C 300 4.83 11.67 -14.92
C SER C 300 4.81 11.57 -16.44
N ASN C 301 5.40 12.57 -17.10
CA ASN C 301 5.66 12.48 -18.53
C ASN C 301 6.65 11.36 -18.81
N TRP C 302 6.69 10.89 -20.06
CA TRP C 302 7.68 9.90 -20.43
C TRP C 302 9.06 10.52 -20.45
N SER C 303 10.05 9.72 -20.09
CA SER C 303 11.44 10.12 -20.16
C SER C 303 11.83 10.20 -21.63
N GLN C 304 12.84 11.00 -21.94
CA GLN C 304 13.42 10.99 -23.26
C GLN C 304 13.91 9.57 -23.58
N GLU C 305 13.71 9.13 -24.81
CA GLU C 305 14.07 7.76 -25.21
C GLU C 305 15.57 7.56 -25.37
N MET C 306 16.01 6.33 -25.17
CA MET C 306 17.40 5.94 -25.34
C MET C 306 17.41 4.55 -25.97
N SER C 307 18.25 4.36 -26.99
CA SER C 307 18.25 3.11 -27.76
C SER C 307 19.57 2.34 -27.68
N ILE C 308 19.48 1.03 -27.83
CA ILE C 308 20.65 0.16 -27.86
C ILE C 308 20.41 -1.01 -28.81
N GLY C 309 21.49 -1.52 -29.39
CA GLY C 309 21.41 -2.68 -30.28
C GLY C 309 21.76 -2.38 -31.73
N LYS C 310 21.74 -3.43 -32.54
CA LYS C 310 22.09 -3.34 -33.95
C LYS C 310 20.97 -2.68 -34.77
N LYS C 311 21.33 -1.61 -35.47
CA LYS C 311 20.41 -0.88 -36.33
C LYS C 311 20.23 -1.58 -37.68
N ARG C 312 19.24 -1.14 -38.43
CA ARG C 312 19.03 -1.59 -39.80
C ARG C 312 18.60 -0.38 -40.64
N ASN C 313 19.41 -0.03 -41.64
CA ASN C 313 19.17 1.17 -42.44
C ASN C 313 18.44 0.86 -43.74
N SER C 314 17.12 0.68 -43.63
CA SER C 314 16.26 0.33 -44.77
C SER C 314 16.45 1.31 -45.94
#